data_3A6V
#
_entry.id   3A6V
#
_cell.length_a   35.750
_cell.length_b   55.950
_cell.length_c   74.120
_cell.angle_alpha   90.00
_cell.angle_beta   96.40
_cell.angle_gamma   90.00
#
_symmetry.space_group_name_H-M   'P 1 21 1'
#
loop_
_entity.id
_entity.type
_entity.pdbx_description
1 polymer 'Mutator mutT protein'
2 non-polymer 'MANGANESE (II) ION'
3 non-polymer 'SODIUM ION'
4 non-polymer 'L(+)-TARTARIC ACID'
5 water water
#
_entity_poly.entity_id   1
_entity_poly.type   'polypeptide(L)'
_entity_poly.pdbx_seq_one_letter_code
;MKKLQIAVGIIRNENNEIFITRRAADAHMANKLEFPGGKIEMGETPEQAVVRELQEEVGITPQHFSLFEKLEYEFPDRHI
TLWFWLVERWEGEPWGKEGQPGEWMSLVGLNADDFPPANEPVIAKLKRL
;
_entity_poly.pdbx_strand_id   A,B
#
loop_
_chem_comp.id
_chem_comp.type
_chem_comp.name
_chem_comp.formula
MN non-polymer 'MANGANESE (II) ION' 'Mn 2'
NA non-polymer 'SODIUM ION' 'Na 1'
TLA non-polymer 'L(+)-TARTARIC ACID' 'C4 H6 O6'
#
# COMPACT_ATOMS: atom_id res chain seq x y z
N MET A 1 0.88 -13.61 -6.56
CA MET A 1 -0.11 -12.82 -5.78
C MET A 1 -0.11 -13.19 -4.32
N LYS A 2 0.54 -12.36 -3.49
CA LYS A 2 0.62 -12.60 -2.07
C LYS A 2 -0.11 -11.53 -1.28
N LYS A 3 -0.43 -11.84 -0.03
CA LYS A 3 -1.11 -10.90 0.85
C LYS A 3 -0.13 -10.40 1.88
N LEU A 4 -0.25 -9.13 2.24
CA LEU A 4 0.58 -8.51 3.27
C LEU A 4 -0.44 -7.75 4.09
N GLN A 5 -0.56 -8.09 5.36
CA GLN A 5 -1.53 -7.43 6.22
C GLN A 5 -0.85 -6.78 7.40
N ILE A 6 -1.39 -5.62 7.79
CA ILE A 6 -0.83 -4.85 8.89
C ILE A 6 -1.91 -4.51 9.91
N ALA A 7 -1.59 -4.69 11.18
CA ALA A 7 -2.52 -4.38 12.27
C ALA A 7 -2.11 -3.06 12.88
N VAL A 8 -3.08 -2.16 13.05
CA VAL A 8 -2.79 -0.85 13.59
C VAL A 8 -3.62 -0.57 14.84
N GLY A 9 -2.95 -0.06 15.88
CA GLY A 9 -3.64 0.22 17.12
C GLY A 9 -3.88 1.69 17.40
N ILE A 10 -5.15 2.04 17.55
CA ILE A 10 -5.54 3.40 17.88
C ILE A 10 -5.86 3.35 19.37
N ILE A 11 -4.95 3.87 20.18
CA ILE A 11 -5.09 3.85 21.64
C ILE A 11 -5.71 5.15 22.11
N ARG A 12 -6.93 5.06 22.65
CA ARG A 12 -7.64 6.24 23.12
C ARG A 12 -7.94 6.17 24.63
N ASN A 13 -7.55 7.21 25.37
CA ASN A 13 -7.80 7.21 26.81
C ASN A 13 -9.13 7.89 27.14
N GLU A 14 -9.39 8.06 28.44
CA GLU A 14 -10.64 8.66 28.91
C GLU A 14 -10.79 10.15 28.62
N ASN A 15 -9.71 10.82 28.29
CA ASN A 15 -9.76 12.25 28.01
C ASN A 15 -9.85 12.52 26.51
N ASN A 16 -10.14 11.48 25.75
CA ASN A 16 -10.26 11.59 24.30
C ASN A 16 -8.94 11.97 23.63
N GLU A 17 -7.84 11.43 24.17
CA GLU A 17 -6.52 11.68 23.62
C GLU A 17 -6.04 10.35 23.04
N ILE A 18 -5.29 10.39 21.94
CA ILE A 18 -4.78 9.18 21.32
C ILE A 18 -3.26 9.13 21.43
N PHE A 19 -2.70 7.94 21.58
CA PHE A 19 -1.27 7.80 21.69
C PHE A 19 -0.69 7.73 20.29
N ILE A 20 0.11 8.72 19.94
CA ILE A 20 0.73 8.85 18.63
C ILE A 20 2.24 8.69 18.72
N THR A 21 2.84 7.99 17.76
CA THR A 21 4.29 7.83 17.74
C THR A 21 4.85 8.55 16.52
N ARG A 22 6.16 8.77 16.52
CA ARG A 22 6.79 9.46 15.41
C ARG A 22 7.79 8.59 14.67
N ARG A 23 8.21 9.05 13.50
CA ARG A 23 9.16 8.33 12.67
C ARG A 23 10.58 8.59 13.16
N ASN A 31 9.66 12.30 12.62
CA ASN A 31 9.15 13.32 11.70
C ASN A 31 7.62 13.28 11.63
N LYS A 32 7.09 12.61 10.60
CA LYS A 32 5.65 12.49 10.44
C LYS A 32 5.08 11.62 11.55
N LEU A 33 3.81 11.86 11.90
CA LEU A 33 3.16 11.09 12.96
C LEU A 33 2.46 9.85 12.42
N GLU A 34 2.33 8.84 13.27
CA GLU A 34 1.64 7.61 12.88
C GLU A 34 1.21 6.78 14.09
N PHE A 35 0.38 5.79 13.82
CA PHE A 35 -0.11 4.92 14.88
C PHE A 35 0.78 3.70 15.04
N PRO A 36 0.85 3.15 16.26
CA PRO A 36 1.68 1.96 16.53
C PRO A 36 1.08 0.84 15.68
N GLY A 37 1.88 -0.15 15.32
CA GLY A 37 1.34 -1.23 14.51
C GLY A 37 2.39 -1.89 13.64
N GLY A 38 2.01 -3.02 13.03
CA GLY A 38 2.94 -3.74 12.20
C GLY A 38 2.36 -4.95 11.51
N LYS A 39 3.24 -5.71 10.86
CA LYS A 39 2.85 -6.89 10.09
C LYS A 39 2.24 -8.05 10.86
N ILE A 40 1.22 -8.64 10.25
CA ILE A 40 0.54 -9.81 10.81
C ILE A 40 1.35 -10.97 10.25
N GLU A 41 1.98 -11.74 11.13
CA GLU A 41 2.82 -12.87 10.73
C GLU A 41 2.04 -14.15 10.46
N MET A 42 2.69 -15.11 9.80
CA MET A 42 2.06 -16.39 9.48
C MET A 42 1.48 -17.06 10.71
N GLY A 43 0.25 -17.55 10.60
CA GLY A 43 -0.36 -18.23 11.72
C GLY A 43 -1.00 -17.36 12.79
N GLU A 44 -0.95 -16.04 12.63
CA GLU A 44 -1.55 -15.13 13.61
C GLU A 44 -2.87 -14.61 13.08
N THR A 45 -3.80 -14.29 13.98
CA THR A 45 -5.06 -13.70 13.56
C THR A 45 -4.81 -12.19 13.65
N PRO A 46 -5.68 -11.38 13.03
CA PRO A 46 -5.51 -9.92 13.07
C PRO A 46 -5.45 -9.42 14.52
N GLU A 47 -6.26 -10.04 15.39
CA GLU A 47 -6.31 -9.66 16.80
C GLU A 47 -5.02 -9.98 17.55
N GLN A 48 -4.44 -11.16 17.30
CA GLN A 48 -3.20 -11.54 17.97
C GLN A 48 -2.06 -10.62 17.56
N ALA A 49 -2.04 -10.22 16.29
CA ALA A 49 -0.99 -9.35 15.77
C ALA A 49 -1.05 -7.96 16.37
N VAL A 50 -2.25 -7.39 16.52
CA VAL A 50 -2.32 -6.06 17.09
C VAL A 50 -1.89 -6.11 18.55
N VAL A 51 -2.21 -7.19 19.24
CA VAL A 51 -1.81 -7.30 20.65
C VAL A 51 -0.29 -7.41 20.72
N ARG A 52 0.29 -8.26 19.89
CA ARG A 52 1.76 -8.44 19.88
C ARG A 52 2.52 -7.17 19.52
N GLU A 53 2.12 -6.53 18.42
CA GLU A 53 2.81 -5.32 17.97
C GLU A 53 2.73 -4.19 19.00
N LEU A 54 1.58 -4.08 19.67
CA LEU A 54 1.45 -3.02 20.66
C LEU A 54 2.29 -3.34 21.90
N GLN A 55 2.41 -4.62 22.24
CA GLN A 55 3.24 -4.98 23.39
C GLN A 55 4.70 -4.66 23.06
N GLU A 56 5.08 -4.88 21.81
CA GLU A 56 6.45 -4.65 21.35
C GLU A 56 6.79 -3.17 21.22
N GLU A 57 5.89 -2.41 20.60
CA GLU A 57 6.13 -0.99 20.35
C GLU A 57 5.86 -0.02 21.49
N VAL A 58 4.76 -0.20 22.23
CA VAL A 58 4.44 0.74 23.30
C VAL A 58 4.27 0.16 24.71
N GLY A 59 4.51 -1.13 24.84
CA GLY A 59 4.43 -1.78 26.13
C GLY A 59 3.10 -1.98 26.81
N ILE A 60 2.03 -2.14 26.04
CA ILE A 60 0.72 -2.38 26.63
C ILE A 60 0.09 -3.64 26.03
N THR A 61 -0.87 -4.20 26.74
CA THR A 61 -1.57 -5.37 26.26
C THR A 61 -3.03 -4.96 26.08
N PRO A 62 -3.48 -4.83 24.84
CA PRO A 62 -4.87 -4.43 24.58
C PRO A 62 -5.79 -5.47 25.23
N GLN A 63 -6.87 -5.02 25.84
CA GLN A 63 -7.83 -5.92 26.49
C GLN A 63 -9.20 -5.80 25.84
N HIS A 64 -9.61 -4.56 25.56
CA HIS A 64 -10.88 -4.32 24.91
C HIS A 64 -10.60 -3.50 23.68
N PHE A 65 -10.90 -4.06 22.52
CA PHE A 65 -10.69 -3.37 21.27
C PHE A 65 -11.63 -3.91 20.20
N SER A 66 -11.99 -3.04 19.27
CA SER A 66 -12.90 -3.40 18.20
C SER A 66 -12.33 -2.94 16.87
N LEU A 67 -12.81 -3.51 15.76
CA LEU A 67 -12.32 -3.11 14.45
C LEU A 67 -12.93 -1.76 14.10
N PHE A 68 -12.08 -0.77 13.92
CA PHE A 68 -12.53 0.58 13.61
C PHE A 68 -12.67 0.79 12.10
N GLU A 69 -11.69 0.30 11.35
CA GLU A 69 -11.70 0.43 9.91
C GLU A 69 -10.78 -0.60 9.26
N LYS A 70 -11.11 -1.00 8.04
CA LYS A 70 -10.28 -1.95 7.32
C LYS A 70 -10.10 -1.40 5.91
N LEU A 71 -8.85 -1.11 5.55
CA LEU A 71 -8.55 -0.55 4.24
C LEU A 71 -7.80 -1.58 3.40
N GLU A 72 -8.12 -1.62 2.11
CA GLU A 72 -7.49 -2.56 1.20
C GLU A 72 -6.79 -1.83 0.05
N TYR A 73 -5.66 -2.37 -0.37
CA TYR A 73 -4.88 -1.81 -1.46
C TYR A 73 -4.51 -2.95 -2.39
N GLU A 74 -4.93 -2.86 -3.64
CA GLU A 74 -4.63 -3.89 -4.60
C GLU A 74 -3.57 -3.41 -5.58
N PHE A 75 -2.37 -3.95 -5.44
CA PHE A 75 -1.26 -3.58 -6.30
C PHE A 75 -0.87 -4.79 -7.14
N PRO A 76 -0.11 -4.58 -8.22
CA PRO A 76 0.28 -5.73 -9.04
C PRO A 76 1.02 -6.77 -8.19
N ASP A 77 0.53 -8.00 -8.19
CA ASP A 77 1.12 -9.12 -7.44
C ASP A 77 1.03 -9.03 -5.93
N ARG A 78 0.42 -7.98 -5.40
CA ARG A 78 0.33 -7.84 -3.95
C ARG A 78 -0.99 -7.24 -3.46
N HIS A 79 -1.62 -7.91 -2.50
CA HIS A 79 -2.87 -7.43 -1.92
C HIS A 79 -2.51 -7.06 -0.49
N ILE A 80 -2.70 -5.79 -0.14
CA ILE A 80 -2.37 -5.30 1.19
C ILE A 80 -3.64 -4.90 1.95
N THR A 81 -3.74 -5.34 3.20
CA THR A 81 -4.90 -5.00 4.03
C THR A 81 -4.43 -4.37 5.33
N LEU A 82 -5.00 -3.21 5.67
CA LEU A 82 -4.66 -2.52 6.91
C LEU A 82 -5.85 -2.66 7.87
N TRP A 83 -5.59 -3.21 9.05
CA TRP A 83 -6.63 -3.39 10.06
C TRP A 83 -6.45 -2.37 11.17
N PHE A 84 -7.38 -1.42 11.29
CA PHE A 84 -7.29 -0.40 12.34
C PHE A 84 -8.20 -0.78 13.52
N TRP A 85 -7.58 -0.98 14.68
CA TRP A 85 -8.32 -1.35 15.88
C TRP A 85 -8.37 -0.20 16.88
N LEU A 86 -9.55 0.02 17.46
CA LEU A 86 -9.71 1.06 18.46
C LEU A 86 -9.51 0.39 19.81
N VAL A 87 -8.43 0.77 20.49
CA VAL A 87 -8.10 0.19 21.79
C VAL A 87 -8.56 1.13 22.90
N GLU A 88 -9.54 0.69 23.69
CA GLU A 88 -10.08 1.53 24.75
C GLU A 88 -9.74 1.14 26.17
N ARG A 89 -9.22 -0.06 26.38
CA ARG A 89 -8.79 -0.49 27.71
C ARG A 89 -7.63 -1.45 27.54
N TRP A 90 -6.63 -1.28 28.39
CA TRP A 90 -5.43 -2.10 28.30
C TRP A 90 -4.70 -2.19 29.62
N GLU A 91 -3.72 -3.08 29.67
CA GLU A 91 -2.90 -3.24 30.86
C GLU A 91 -1.57 -2.57 30.54
N GLY A 92 -1.06 -1.80 31.48
CA GLY A 92 0.20 -1.11 31.25
C GLY A 92 0.06 0.35 30.92
N GLU A 93 1.20 0.99 30.65
CA GLU A 93 1.25 2.40 30.33
C GLU A 93 2.04 2.56 29.03
N PRO A 94 1.44 3.17 28.01
CA PRO A 94 2.12 3.36 26.72
C PRO A 94 3.38 4.22 26.86
N TRP A 95 4.47 3.78 26.22
CA TRP A 95 5.72 4.53 26.23
C TRP A 95 6.50 4.17 24.96
N GLY A 96 7.60 4.88 24.70
CA GLY A 96 8.38 4.58 23.51
C GLY A 96 9.29 3.38 23.71
N LYS A 97 8.71 2.20 23.82
CA LYS A 97 9.45 0.96 24.07
C LYS A 97 10.50 0.58 23.04
N GLU A 98 10.25 0.87 21.76
CA GLU A 98 11.27 0.54 20.76
C GLU A 98 12.17 1.75 20.52
N GLY A 99 12.17 2.67 21.49
CA GLY A 99 12.99 3.86 21.41
C GLY A 99 12.46 4.97 20.52
N GLN A 100 11.19 4.91 20.15
CA GLN A 100 10.60 5.93 19.27
C GLN A 100 9.84 7.00 20.05
N PRO A 101 9.75 8.22 19.49
CA PRO A 101 9.04 9.29 20.17
C PRO A 101 7.56 8.93 20.27
N GLY A 102 6.93 9.27 21.39
CA GLY A 102 5.52 8.97 21.57
C GLY A 102 4.89 10.01 22.47
N GLU A 103 3.61 10.29 22.26
CA GLU A 103 2.92 11.27 23.11
C GLU A 103 1.41 11.25 22.91
N TRP A 104 0.70 11.78 23.90
CA TRP A 104 -0.76 11.82 23.84
C TRP A 104 -1.20 13.10 23.14
N MET A 105 -2.14 12.97 22.22
CA MET A 105 -2.66 14.12 21.48
C MET A 105 -4.19 14.06 21.45
N SER A 106 -4.83 15.19 21.72
CA SER A 106 -6.29 15.23 21.73
C SER A 106 -6.83 15.04 20.31
N LEU A 107 -7.99 14.40 20.20
CA LEU A 107 -8.63 14.15 18.91
C LEU A 107 -8.92 15.45 18.18
N VAL A 108 -9.48 16.42 18.92
CA VAL A 108 -9.83 17.72 18.36
C VAL A 108 -8.67 18.37 17.62
N GLY A 109 -7.47 18.25 18.15
CA GLY A 109 -6.31 18.87 17.54
C GLY A 109 -5.61 18.06 16.46
N LEU A 110 -6.06 16.85 16.18
CA LEU A 110 -5.42 16.03 15.16
C LEU A 110 -5.56 16.63 13.77
N ASN A 111 -4.44 16.68 13.06
CA ASN A 111 -4.42 17.21 11.71
C ASN A 111 -3.97 16.11 10.76
N ALA A 112 -4.81 15.77 9.79
CA ALA A 112 -4.50 14.71 8.83
C ALA A 112 -3.21 14.97 8.05
N ASP A 113 -2.84 16.24 7.90
CA ASP A 113 -1.64 16.59 7.16
C ASP A 113 -0.36 16.19 7.90
N ASP A 114 -0.49 15.91 9.20
CA ASP A 114 0.66 15.51 9.99
C ASP A 114 0.93 14.01 9.91
N PHE A 115 0.00 13.27 9.32
CA PHE A 115 0.13 11.82 9.16
C PHE A 115 0.28 11.47 7.69
N PRO A 116 0.78 10.27 7.39
CA PRO A 116 0.92 9.90 5.98
C PRO A 116 -0.48 9.91 5.38
N PRO A 117 -0.62 10.34 4.13
CA PRO A 117 -1.92 10.42 3.44
C PRO A 117 -2.83 9.20 3.58
N ALA A 118 -2.24 8.02 3.75
CA ALA A 118 -3.04 6.81 3.87
C ALA A 118 -3.99 6.81 5.06
N ASN A 119 -3.63 7.50 6.13
CA ASN A 119 -4.47 7.54 7.33
C ASN A 119 -5.62 8.55 7.28
N GLU A 120 -5.66 9.38 6.24
CA GLU A 120 -6.69 10.41 6.10
C GLU A 120 -8.12 10.00 6.43
N PRO A 121 -8.66 8.98 5.76
CA PRO A 121 -10.04 8.57 6.05
C PRO A 121 -10.27 8.12 7.49
N VAL A 122 -9.27 7.51 8.10
CA VAL A 122 -9.38 7.04 9.48
C VAL A 122 -9.38 8.23 10.44
N ILE A 123 -8.53 9.20 10.17
CA ILE A 123 -8.44 10.39 11.00
C ILE A 123 -9.76 11.16 10.96
N ALA A 124 -10.30 11.33 9.76
CA ALA A 124 -11.57 12.04 9.58
C ALA A 124 -12.65 11.38 10.41
N LYS A 125 -12.72 10.06 10.31
CA LYS A 125 -13.71 9.26 11.03
C LYS A 125 -13.46 9.33 12.53
N LEU A 126 -12.18 9.24 12.92
CA LEU A 126 -11.78 9.29 14.32
C LEU A 126 -12.08 10.68 14.89
N LYS A 127 -11.60 11.69 14.17
CA LYS A 127 -11.80 13.08 14.55
C LYS A 127 -13.23 13.47 14.22
N ARG A 128 -14.18 12.86 14.92
CA ARG A 128 -15.59 13.14 14.69
C ARG A 128 -16.43 12.61 15.85
N LEU A 129 -16.36 11.30 16.09
CA LEU A 129 -17.11 10.68 17.18
C LEU A 129 -16.19 10.26 18.31
N MET B 1 10.57 -1.89 10.23
CA MET B 1 10.46 -1.03 9.01
C MET B 1 11.23 -1.64 7.84
N LYS B 2 10.49 -2.01 6.81
CA LYS B 2 11.06 -2.62 5.61
C LYS B 2 10.46 -1.95 4.39
N LYS B 3 11.11 -2.13 3.25
CA LYS B 3 10.62 -1.57 2.01
C LYS B 3 10.09 -2.70 1.13
N LEU B 4 9.01 -2.41 0.42
CA LEU B 4 8.43 -3.35 -0.51
C LEU B 4 8.20 -2.50 -1.74
N GLN B 5 8.93 -2.81 -2.82
CA GLN B 5 8.79 -2.03 -4.04
C GLN B 5 8.24 -2.89 -5.16
N ILE B 6 7.37 -2.30 -5.96
CA ILE B 6 6.72 -2.99 -7.06
C ILE B 6 6.96 -2.24 -8.37
N ALA B 7 7.31 -2.99 -9.42
CA ALA B 7 7.57 -2.41 -10.73
C ALA B 7 6.35 -2.68 -11.61
N VAL B 8 5.84 -1.63 -12.24
CA VAL B 8 4.65 -1.76 -13.08
C VAL B 8 4.92 -1.35 -14.52
N GLY B 9 4.38 -2.12 -15.46
CA GLY B 9 4.61 -1.83 -16.86
C GLY B 9 3.37 -1.39 -17.63
N ILE B 10 3.42 -0.16 -18.13
CA ILE B 10 2.33 0.37 -18.93
C ILE B 10 2.81 0.21 -20.37
N ILE B 11 2.24 -0.77 -21.07
CA ILE B 11 2.64 -1.06 -22.44
C ILE B 11 1.73 -0.37 -23.44
N ARG B 12 2.27 0.63 -24.14
CA ARG B 12 1.47 1.38 -25.11
C ARG B 12 2.01 1.21 -26.53
N ASN B 13 1.15 0.79 -27.47
CA ASN B 13 1.58 0.61 -28.85
C ASN B 13 1.36 1.87 -29.70
N GLU B 14 1.51 1.70 -31.01
CA GLU B 14 1.37 2.80 -31.96
C GLU B 14 -0.06 3.31 -32.13
N ASN B 15 -1.03 2.45 -31.87
CA ASN B 15 -2.43 2.83 -32.02
C ASN B 15 -2.99 3.44 -30.73
N ASN B 16 -2.09 3.80 -29.82
CA ASN B 16 -2.47 4.39 -28.54
C ASN B 16 -3.31 3.44 -27.71
N GLU B 17 -2.99 2.15 -27.81
CA GLU B 17 -3.68 1.12 -27.04
C GLU B 17 -2.74 0.64 -25.95
N ILE B 18 -3.30 0.21 -24.83
CA ILE B 18 -2.48 -0.27 -23.72
C ILE B 18 -2.80 -1.73 -23.44
N PHE B 19 -1.78 -2.52 -23.13
CA PHE B 19 -2.01 -3.94 -22.85
C PHE B 19 -2.42 -4.07 -21.40
N ILE B 20 -3.65 -4.52 -21.19
CA ILE B 20 -4.22 -4.69 -19.86
C ILE B 20 -4.47 -6.16 -19.55
N THR B 21 -4.21 -6.55 -18.31
CA THR B 21 -4.47 -7.93 -17.90
C THR B 21 -5.60 -7.89 -16.88
N ARG B 22 -6.23 -9.02 -16.62
CA ARG B 22 -7.32 -9.07 -15.66
C ARG B 22 -7.01 -9.97 -14.47
N ARG B 23 -7.73 -9.74 -13.38
CA ARG B 23 -7.54 -10.52 -12.16
C ARG B 23 -8.57 -11.65 -12.10
N LYS B 32 -11.52 -7.04 -12.12
CA LYS B 32 -10.91 -5.73 -12.30
C LYS B 32 -9.73 -5.80 -13.27
N LEU B 33 -9.42 -4.68 -13.89
CA LEU B 33 -8.31 -4.60 -14.84
C LEU B 33 -7.09 -4.09 -14.07
N GLU B 34 -5.90 -4.40 -14.59
CA GLU B 34 -4.67 -3.92 -13.98
C GLU B 34 -3.50 -4.03 -14.94
N PHE B 35 -2.40 -3.40 -14.57
CA PHE B 35 -1.20 -3.42 -15.40
C PHE B 35 -0.30 -4.57 -14.94
N PRO B 36 0.49 -5.12 -15.88
CA PRO B 36 1.41 -6.22 -15.57
C PRO B 36 2.47 -5.64 -14.64
N GLY B 37 3.05 -6.48 -13.78
CA GLY B 37 4.07 -5.99 -12.87
C GLY B 37 4.14 -6.80 -11.59
N GLY B 38 5.18 -6.56 -10.81
CA GLY B 38 5.36 -7.28 -9.58
C GLY B 38 6.52 -6.78 -8.73
N LYS B 39 6.85 -7.56 -7.71
CA LYS B 39 7.91 -7.21 -6.77
C LYS B 39 9.34 -7.11 -7.28
N ILE B 40 10.03 -6.11 -6.75
CA ILE B 40 11.43 -5.87 -7.07
C ILE B 40 12.20 -6.69 -6.03
N GLU B 41 12.92 -7.70 -6.50
CA GLU B 41 13.67 -8.58 -5.61
C GLU B 41 14.95 -7.94 -5.09
N MET B 42 15.48 -8.49 -4.02
CA MET B 42 16.70 -7.97 -3.42
C MET B 42 17.83 -7.99 -4.44
N GLY B 43 18.55 -6.88 -4.56
CA GLY B 43 19.67 -6.81 -5.50
C GLY B 43 19.30 -6.28 -6.88
N GLU B 44 18.01 -6.15 -7.16
CA GLU B 44 17.55 -5.66 -8.46
C GLU B 44 17.34 -4.16 -8.46
N THR B 45 17.58 -3.54 -9.61
CA THR B 45 17.33 -2.12 -9.73
C THR B 45 15.88 -2.07 -10.21
N PRO B 46 15.24 -0.89 -10.14
CA PRO B 46 13.85 -0.78 -10.58
C PRO B 46 13.71 -1.21 -12.04
N GLU B 47 14.69 -0.82 -12.87
CA GLU B 47 14.68 -1.16 -14.28
C GLU B 47 14.80 -2.67 -14.52
N GLN B 48 15.65 -3.33 -13.75
CA GLN B 48 15.82 -4.77 -13.91
C GLN B 48 14.53 -5.52 -13.59
N ALA B 49 13.83 -5.06 -12.56
CA ALA B 49 12.58 -5.71 -12.14
C ALA B 49 11.45 -5.57 -13.16
N VAL B 50 11.29 -4.38 -13.74
CA VAL B 50 10.21 -4.22 -14.70
C VAL B 50 10.46 -5.06 -15.93
N VAL B 51 11.73 -5.23 -16.31
CA VAL B 51 12.07 -6.07 -17.47
C VAL B 51 11.75 -7.53 -17.14
N ARG B 52 12.17 -8.00 -15.97
CA ARG B 52 11.92 -9.39 -15.58
C ARG B 52 10.44 -9.71 -15.41
N GLU B 53 9.71 -8.89 -14.67
CA GLU B 53 8.29 -9.13 -14.45
C GLU B 53 7.52 -9.14 -15.77
N LEU B 54 7.90 -8.26 -16.69
CA LEU B 54 7.20 -8.23 -17.98
C LEU B 54 7.57 -9.44 -18.83
N GLN B 55 8.81 -9.93 -18.71
CA GLN B 55 9.20 -11.12 -19.46
C GLN B 55 8.41 -12.31 -18.92
N GLU B 56 8.24 -12.35 -17.59
CA GLU B 56 7.51 -13.43 -16.93
C GLU B 56 5.99 -13.40 -17.17
N GLU B 57 5.39 -12.22 -17.05
CA GLU B 57 3.95 -12.08 -17.19
C GLU B 57 3.36 -11.99 -18.58
N VAL B 58 4.01 -11.27 -19.50
CA VAL B 58 3.46 -11.14 -20.84
C VAL B 58 4.41 -11.49 -21.99
N GLY B 59 5.58 -12.02 -21.65
CA GLY B 59 6.51 -12.46 -22.67
C GLY B 59 7.23 -11.45 -23.56
N ILE B 60 7.47 -10.25 -23.06
CA ILE B 60 8.19 -9.27 -23.85
C ILE B 60 9.38 -8.77 -23.05
N THR B 61 10.35 -8.21 -23.76
CA THR B 61 11.54 -7.64 -23.14
C THR B 61 11.48 -6.16 -23.44
N PRO B 62 11.19 -5.34 -22.43
CA PRO B 62 11.11 -3.90 -22.65
C PRO B 62 12.46 -3.38 -23.15
N GLN B 63 12.43 -2.53 -24.18
CA GLN B 63 13.65 -1.99 -24.74
C GLN B 63 13.73 -0.49 -24.49
N HIS B 64 12.62 0.20 -24.75
CA HIS B 64 12.58 1.63 -24.52
C HIS B 64 11.47 1.94 -23.53
N PHE B 65 11.88 2.42 -22.35
CA PHE B 65 10.90 2.76 -21.32
C PHE B 65 11.42 3.88 -20.43
N SER B 66 10.48 4.64 -19.87
CA SER B 66 10.80 5.77 -19.01
C SER B 66 9.91 5.74 -17.78
N LEU B 67 10.33 6.43 -16.73
CA LEU B 67 9.54 6.47 -15.51
C LEU B 67 8.36 7.41 -15.72
N PHE B 68 7.15 6.87 -15.61
CA PHE B 68 5.94 7.65 -15.80
C PHE B 68 5.44 8.24 -14.49
N GLU B 69 5.53 7.47 -13.41
CA GLU B 69 5.07 7.93 -12.12
C GLU B 69 5.61 7.03 -11.02
N LYS B 70 5.76 7.60 -9.83
CA LYS B 70 6.24 6.86 -8.67
C LYS B 70 5.30 7.20 -7.53
N LEU B 71 4.63 6.20 -6.98
CA LEU B 71 3.69 6.41 -5.87
C LEU B 71 4.27 5.79 -4.60
N GLU B 72 4.10 6.47 -3.48
CA GLU B 72 4.63 6.00 -2.21
C GLU B 72 3.51 5.83 -1.18
N TYR B 73 3.61 4.75 -0.40
CA TYR B 73 2.63 4.47 0.65
C TYR B 73 3.38 4.16 1.94
N GLU B 74 3.12 4.96 2.96
CA GLU B 74 3.77 4.76 4.26
C GLU B 74 2.78 4.16 5.26
N PHE B 75 3.02 2.91 5.61
CA PHE B 75 2.16 2.21 6.56
C PHE B 75 3.00 1.82 7.76
N PRO B 76 2.35 1.49 8.88
CA PRO B 76 3.12 1.10 10.07
C PRO B 76 4.10 -0.04 9.75
N ASP B 77 5.38 0.20 9.97
CA ASP B 77 6.44 -0.79 9.75
C ASP B 77 6.74 -1.16 8.31
N ARG B 78 6.05 -0.53 7.35
CA ARG B 78 6.28 -0.84 5.96
C ARG B 78 6.15 0.36 5.02
N HIS B 79 7.15 0.54 4.17
CA HIS B 79 7.15 1.60 3.18
C HIS B 79 7.05 0.92 1.82
N ILE B 80 5.99 1.23 1.07
CA ILE B 80 5.79 0.62 -0.24
C ILE B 80 5.93 1.67 -1.33
N THR B 81 6.67 1.32 -2.39
CA THR B 81 6.85 2.21 -3.52
C THR B 81 6.43 1.51 -4.79
N LEU B 82 5.62 2.19 -5.59
CA LEU B 82 5.15 1.64 -6.86
C LEU B 82 5.82 2.45 -7.97
N TRP B 83 6.53 1.76 -8.87
CA TRP B 83 7.21 2.42 -9.99
C TRP B 83 6.43 2.10 -11.26
N PHE B 84 5.86 3.13 -11.89
CA PHE B 84 5.10 2.92 -13.12
C PHE B 84 5.97 3.32 -14.31
N TRP B 85 6.28 2.35 -15.17
CA TRP B 85 7.10 2.59 -16.35
C TRP B 85 6.27 2.59 -17.63
N LEU B 86 6.55 3.54 -18.51
CA LEU B 86 5.85 3.64 -19.78
C LEU B 86 6.72 2.91 -20.79
N VAL B 87 6.24 1.78 -21.28
CA VAL B 87 7.01 0.97 -22.23
C VAL B 87 6.49 1.19 -23.65
N GLU B 88 7.32 1.80 -24.50
CA GLU B 88 6.93 2.09 -25.87
C GLU B 88 7.63 1.29 -26.96
N ARG B 89 8.71 0.61 -26.59
CA ARG B 89 9.45 -0.22 -27.54
C ARG B 89 9.91 -1.49 -26.82
N TRP B 90 9.62 -2.65 -27.40
CA TRP B 90 9.98 -3.91 -26.79
C TRP B 90 10.19 -4.99 -27.84
N GLU B 91 10.74 -6.11 -27.40
CA GLU B 91 10.94 -7.24 -28.29
C GLU B 91 9.91 -8.29 -27.90
N GLY B 92 9.24 -8.86 -28.89
CA GLY B 92 8.24 -9.88 -28.60
C GLY B 92 6.82 -9.38 -28.77
N GLU B 93 5.86 -10.25 -28.47
CA GLU B 93 4.45 -9.90 -28.59
C GLU B 93 3.79 -10.23 -27.26
N PRO B 94 3.07 -9.26 -26.67
CA PRO B 94 2.40 -9.47 -25.38
C PRO B 94 1.30 -10.52 -25.45
N TRP B 95 1.28 -11.42 -24.47
CA TRP B 95 0.24 -12.44 -24.37
C TRP B 95 0.11 -12.85 -22.91
N GLY B 96 -0.89 -13.66 -22.60
CA GLY B 96 -1.09 -14.10 -21.22
C GLY B 96 -0.16 -15.23 -20.84
N LYS B 97 1.13 -14.93 -20.75
CA LYS B 97 2.14 -15.93 -20.44
C LYS B 97 1.90 -16.69 -19.14
N GLU B 98 1.40 -16.02 -18.11
CA GLU B 98 1.13 -16.70 -16.84
C GLU B 98 -0.31 -17.20 -16.77
N GLY B 99 -0.97 -17.30 -17.92
CA GLY B 99 -2.33 -17.79 -17.98
C GLY B 99 -3.42 -16.79 -17.65
N GLN B 100 -3.06 -15.51 -17.49
CA GLN B 100 -4.05 -14.49 -17.17
C GLN B 100 -4.67 -13.86 -18.41
N PRO B 101 -5.89 -13.29 -18.28
CA PRO B 101 -6.55 -12.66 -19.43
C PRO B 101 -5.80 -11.38 -19.78
N GLY B 102 -5.67 -11.10 -21.07
CA GLY B 102 -4.97 -9.89 -21.48
C GLY B 102 -5.47 -9.42 -22.82
N GLU B 103 -5.56 -8.10 -23.00
CA GLU B 103 -6.01 -7.57 -24.27
C GLU B 103 -5.63 -6.10 -24.43
N TRP B 104 -5.63 -5.65 -25.68
CA TRP B 104 -5.28 -4.27 -25.96
C TRP B 104 -6.53 -3.42 -25.80
N MET B 105 -6.40 -2.33 -25.04
CA MET B 105 -7.52 -1.43 -24.81
C MET B 105 -7.15 0.00 -25.15
N SER B 106 -8.05 0.68 -25.84
CA SER B 106 -7.83 2.06 -26.23
C SER B 106 -7.68 2.93 -24.98
N LEU B 107 -6.64 3.74 -24.97
CA LEU B 107 -6.39 4.63 -23.83
C LEU B 107 -7.57 5.57 -23.61
N VAL B 108 -8.07 6.15 -24.69
CA VAL B 108 -9.20 7.08 -24.62
C VAL B 108 -10.42 6.48 -23.94
N GLY B 109 -10.63 5.17 -24.11
CA GLY B 109 -11.78 4.52 -23.51
C GLY B 109 -11.57 3.95 -22.12
N LEU B 110 -10.34 4.01 -21.61
CA LEU B 110 -10.08 3.49 -20.28
C LEU B 110 -10.92 4.19 -19.23
N ASN B 111 -11.44 3.41 -18.29
CA ASN B 111 -12.26 3.95 -17.21
C ASN B 111 -11.64 3.58 -15.87
N ALA B 112 -11.24 4.60 -15.11
CA ALA B 112 -10.61 4.41 -13.82
C ALA B 112 -11.41 3.51 -12.87
N ASP B 113 -12.72 3.47 -13.04
CA ASP B 113 -13.56 2.63 -12.18
C ASP B 113 -13.35 1.14 -12.43
N ASP B 114 -12.74 0.80 -13.57
CA ASP B 114 -12.49 -0.59 -13.92
C ASP B 114 -11.19 -1.14 -13.30
N PHE B 115 -10.37 -0.25 -12.76
CA PHE B 115 -9.11 -0.63 -12.12
C PHE B 115 -9.18 -0.42 -10.61
N PRO B 116 -8.31 -1.11 -9.85
CA PRO B 116 -8.38 -0.88 -8.40
C PRO B 116 -8.04 0.59 -8.18
N PRO B 117 -8.67 1.22 -7.18
CA PRO B 117 -8.47 2.63 -6.84
C PRO B 117 -7.05 3.20 -6.84
N ALA B 118 -6.06 2.40 -6.46
CA ALA B 118 -4.68 2.88 -6.42
C ALA B 118 -4.19 3.42 -7.76
N ASN B 119 -4.70 2.88 -8.85
CA ASN B 119 -4.28 3.29 -10.19
C ASN B 119 -4.92 4.58 -10.69
N GLU B 120 -5.89 5.11 -9.95
CA GLU B 120 -6.60 6.30 -10.36
C GLU B 120 -5.74 7.47 -10.85
N PRO B 121 -4.76 7.91 -10.05
CA PRO B 121 -3.91 9.03 -10.46
C PRO B 121 -3.05 8.75 -11.71
N VAL B 122 -2.73 7.49 -11.93
CA VAL B 122 -1.92 7.13 -13.09
C VAL B 122 -2.80 7.13 -14.34
N ILE B 123 -4.03 6.65 -14.20
CA ILE B 123 -4.97 6.62 -15.32
C ILE B 123 -5.23 8.05 -15.77
N ALA B 124 -5.52 8.92 -14.81
CA ALA B 124 -5.80 10.33 -15.10
C ALA B 124 -4.66 10.98 -15.87
N LYS B 125 -3.43 10.69 -15.45
CA LYS B 125 -2.26 11.25 -16.10
C LYS B 125 -2.13 10.71 -17.52
N LEU B 126 -2.39 9.42 -17.70
CA LEU B 126 -2.30 8.79 -19.01
C LEU B 126 -3.24 9.43 -20.03
N LYS B 127 -4.42 9.83 -19.59
CA LYS B 127 -5.40 10.45 -20.47
C LYS B 127 -5.06 11.87 -20.90
N ARG B 128 -4.51 12.66 -19.98
CA ARG B 128 -4.16 14.03 -20.29
C ARG B 128 -3.10 14.13 -21.38
N LEU B 129 -2.07 13.30 -21.29
CA LEU B 129 -1.00 13.33 -22.27
C LEU B 129 -0.33 11.96 -22.39
MN MN C . 6.50 -3.19 14.91
MN MN D . 6.61 -6.74 13.40
NA NA E . 5.12 0.31 13.93
O1 TLA F . 7.25 -8.68 4.89
O11 TLA F . 7.10 -6.76 3.78
C1 TLA F . 6.91 -8.09 3.88
C2 TLA F . 6.28 -8.82 2.74
O2 TLA F . 6.18 -10.22 3.05
C3 TLA F . 7.09 -8.60 1.43
O3 TLA F . 8.45 -9.03 1.58
C4 TLA F . 6.43 -9.32 0.28
O4 TLA F . 7.06 -10.11 -0.38
O41 TLA F . 5.17 -9.06 -0.02
O1 TLA G . 9.13 -14.61 -2.52
O11 TLA G . 8.75 -16.23 -3.97
C1 TLA G . 8.81 -14.93 -3.63
C2 TLA G . 8.45 -13.87 -4.66
O2 TLA G . 8.58 -12.56 -4.08
C3 TLA G . 7.00 -14.05 -5.17
O3 TLA G . 6.09 -13.93 -4.07
C4 TLA G . 6.71 -12.97 -6.19
O4 TLA G . 5.82 -12.16 -6.01
O41 TLA G . 7.44 -12.92 -7.31
MN MN H . 4.58 -11.23 -11.45
MN MN I . 7.46 -11.60 -8.95
NA NA J . 1.45 -9.02 -11.85
O1 TLA K . 8.17 -6.18 10.44
O11 TLA K . 8.20 -7.46 12.24
C1 TLA K . 8.67 -7.11 11.04
C2 TLA K . 9.81 -7.88 10.43
O2 TLA K . 10.13 -7.34 9.16
C3 TLA K . 9.40 -9.36 10.29
O3 TLA K . 8.24 -9.45 9.44
C4 TLA K . 10.54 -10.16 9.69
O4 TLA K . 10.38 -10.76 8.64
O41 TLA K . 11.71 -10.22 10.33
#